data_2KVH
#
_entry.id   2KVH
#
_cell.length_a   1.000
_cell.length_b   1.000
_cell.length_c   1.000
_cell.angle_alpha   90.00
_cell.angle_beta   90.00
_cell.angle_gamma   90.00
#
_symmetry.space_group_name_H-M   'P 1'
#
loop_
_entity.id
_entity.type
_entity.pdbx_description
1 polymer 'Zinc finger and BTB domain-containing protein 32'
2 non-polymer 'ZINC ION'
#
_entity_poly.entity_id   1
_entity_poly.type   'polypeptide(L)'
_entity_poly.pdbx_seq_one_letter_code
;EKPFSCSLCPQRSRDFSAMTKHLRTHG
;
_entity_poly.pdbx_strand_id   A
#
# COMPACT_ATOMS: atom_id res chain seq x y z
N GLU A 1 -2.19 7.54 -15.40
CA GLU A 1 -2.16 7.29 -13.93
C GLU A 1 -1.40 6.00 -13.64
N LYS A 2 -0.68 5.95 -12.56
CA LYS A 2 0.09 4.71 -12.23
C LYS A 2 -0.74 3.84 -11.30
N PRO A 3 -0.30 2.62 -11.09
CA PRO A 3 -1.02 1.65 -10.21
C PRO A 3 -1.44 2.27 -8.88
N PHE A 4 -1.72 1.47 -7.89
CA PHE A 4 -2.15 2.02 -6.57
C PHE A 4 -0.96 1.99 -5.61
N SER A 5 -0.33 3.12 -5.40
CA SER A 5 0.83 3.17 -4.47
C SER A 5 0.36 3.63 -3.09
N CYS A 6 1.20 3.50 -2.09
CA CYS A 6 0.79 3.92 -0.72
C CYS A 6 1.02 5.43 -0.57
N SER A 7 0.78 5.96 0.60
CA SER A 7 0.97 7.42 0.81
C SER A 7 2.40 7.68 1.30
N LEU A 8 2.75 7.19 2.46
CA LEU A 8 4.12 7.41 2.97
C LEU A 8 4.89 6.08 2.97
N CYS A 9 5.59 5.80 1.89
CA CYS A 9 6.36 4.52 1.82
C CYS A 9 6.45 4.08 0.36
N PRO A 10 7.63 3.78 -0.11
CA PRO A 10 7.85 3.33 -1.52
C PRO A 10 7.35 1.91 -1.76
N GLN A 11 6.06 1.70 -1.74
CA GLN A 11 5.52 0.33 -1.96
C GLN A 11 4.20 0.43 -2.74
N ARG A 12 3.75 -0.67 -3.28
CA ARG A 12 2.46 -0.65 -4.05
C ARG A 12 1.69 -1.94 -3.78
N SER A 13 0.40 -1.90 -3.90
CA SER A 13 -0.42 -3.13 -3.65
C SER A 13 -1.29 -3.41 -4.87
N ARG A 14 -1.73 -4.63 -5.02
CA ARG A 14 -2.59 -4.97 -6.20
C ARG A 14 -4.06 -4.93 -5.79
N ASP A 15 -4.33 -5.08 -4.52
CA ASP A 15 -5.75 -5.04 -4.06
C ASP A 15 -5.82 -4.40 -2.66
N PHE A 16 -6.82 -3.59 -2.43
CA PHE A 16 -6.94 -2.93 -1.10
C PHE A 16 -6.75 -3.98 0.00
N SER A 17 -7.16 -5.19 -0.23
CA SER A 17 -7.00 -6.25 0.80
C SER A 17 -5.55 -6.25 1.30
N ALA A 18 -4.61 -6.35 0.41
CA ALA A 18 -3.18 -6.37 0.83
C ALA A 18 -2.76 -4.95 1.25
N MET A 19 -3.24 -3.96 0.55
CA MET A 19 -2.87 -2.56 0.90
C MET A 19 -3.30 -2.27 2.34
N THR A 20 -4.36 -2.89 2.79
CA THR A 20 -4.83 -2.66 4.18
C THR A 20 -3.80 -3.21 5.16
N LYS A 21 -3.42 -4.46 5.03
CA LYS A 21 -2.42 -5.04 5.96
C LYS A 21 -1.21 -4.11 5.98
N HIS A 22 -0.82 -3.62 4.85
CA HIS A 22 0.34 -2.70 4.79
C HIS A 22 0.15 -1.58 5.81
N LEU A 23 -1.03 -1.03 5.91
CA LEU A 23 -1.25 0.05 6.89
C LEU A 23 -1.22 -0.53 8.31
N ARG A 24 -1.86 -1.65 8.51
CA ARG A 24 -1.85 -2.28 9.86
C ARG A 24 -0.43 -2.79 10.15
N THR A 25 0.38 -2.90 9.14
CA THR A 25 1.76 -3.39 9.34
C THR A 25 2.74 -2.21 9.26
N HIS A 26 2.24 -1.05 8.91
CA HIS A 26 3.13 0.15 8.83
C HIS A 26 4.21 0.06 9.90
N GLY A 27 3.86 0.32 11.13
CA GLY A 27 4.86 0.26 12.23
C GLY A 27 4.38 1.08 13.42
N GLU A 1 0.22 8.17 -16.00
CA GLU A 1 -0.36 6.86 -15.57
C GLU A 1 -0.93 7.00 -14.17
N LYS A 2 -1.79 6.11 -13.78
CA LYS A 2 -2.38 6.17 -12.41
C LYS A 2 -1.96 4.94 -11.61
N PRO A 3 -0.86 5.04 -10.91
CA PRO A 3 -0.34 3.91 -10.09
C PRO A 3 -1.09 3.75 -8.77
N PHE A 4 -0.50 3.07 -7.82
CA PHE A 4 -1.18 2.88 -6.51
C PHE A 4 -0.13 2.70 -5.41
N SER A 5 0.56 3.75 -5.07
CA SER A 5 1.60 3.64 -4.00
C SER A 5 1.14 4.41 -2.76
N CYS A 6 1.61 4.03 -1.60
CA CYS A 6 1.20 4.74 -0.36
C CYS A 6 1.98 6.06 -0.24
N SER A 7 1.76 6.78 0.83
CA SER A 7 2.47 8.08 1.00
C SER A 7 3.85 7.82 1.63
N LEU A 8 3.91 7.69 2.93
CA LEU A 8 5.22 7.44 3.60
C LEU A 8 5.42 5.93 3.75
N CYS A 9 6.04 5.32 2.78
CA CYS A 9 6.29 3.86 2.85
C CYS A 9 6.39 3.28 1.43
N PRO A 10 7.56 3.33 0.87
CA PRO A 10 7.81 2.83 -0.51
C PRO A 10 7.15 1.47 -0.76
N GLN A 11 5.87 1.45 -1.01
CA GLN A 11 5.18 0.16 -1.26
C GLN A 11 4.06 0.37 -2.29
N ARG A 12 3.90 -0.54 -3.21
CA ARG A 12 2.84 -0.39 -4.24
C ARG A 12 1.93 -1.62 -4.21
N SER A 13 0.64 -1.41 -4.26
CA SER A 13 -0.30 -2.57 -4.24
C SER A 13 -1.46 -2.30 -5.21
N ARG A 14 -1.99 -3.33 -5.81
CA ARG A 14 -3.11 -3.14 -6.76
C ARG A 14 -4.41 -3.64 -6.13
N ASP A 15 -4.32 -4.24 -4.97
CA ASP A 15 -5.55 -4.75 -4.30
C ASP A 15 -5.63 -4.19 -2.88
N PHE A 16 -6.79 -3.73 -2.47
CA PHE A 16 -6.93 -3.17 -1.11
C PHE A 16 -6.35 -4.16 -0.09
N SER A 17 -6.56 -5.43 -0.30
CA SER A 17 -6.02 -6.43 0.66
C SER A 17 -4.54 -6.14 0.91
N ALA A 18 -3.73 -6.17 -0.12
CA ALA A 18 -2.28 -5.90 0.05
C ALA A 18 -2.10 -4.47 0.57
N MET A 19 -3.03 -3.60 0.27
CA MET A 19 -2.91 -2.19 0.74
C MET A 19 -3.35 -2.11 2.20
N THR A 20 -4.22 -2.99 2.61
CA THR A 20 -4.68 -2.95 4.03
C THR A 20 -3.55 -3.39 4.96
N LYS A 21 -2.99 -4.54 4.72
CA LYS A 21 -1.88 -5.01 5.59
C LYS A 21 -0.81 -3.91 5.64
N HIS A 22 -0.62 -3.23 4.56
CA HIS A 22 0.38 -2.13 4.53
C HIS A 22 0.07 -1.14 5.64
N LEU A 23 -1.18 -0.79 5.81
CA LEU A 23 -1.53 0.18 6.89
C LEU A 23 -1.39 -0.52 8.24
N ARG A 24 -1.67 -1.79 8.29
CA ARG A 24 -1.53 -2.53 9.58
C ARG A 24 -0.06 -2.87 9.79
N THR A 25 0.71 -2.92 8.73
CA THR A 25 2.15 -3.23 8.85
C THR A 25 2.95 -1.93 8.97
N HIS A 26 2.29 -0.82 8.73
CA HIS A 26 3.00 0.49 8.83
C HIS A 26 4.07 0.42 9.92
N GLY A 27 3.68 0.60 11.16
CA GLY A 27 4.68 0.55 12.26
C GLY A 27 4.45 -0.71 13.10
N GLU A 1 -5.96 0.29 -8.63
CA GLU A 1 -5.66 -0.70 -9.71
C GLU A 1 -4.47 -0.20 -10.53
N LYS A 2 -4.31 1.10 -10.63
CA LYS A 2 -3.16 1.63 -11.43
C LYS A 2 -1.96 1.87 -10.50
N PRO A 3 -0.78 1.92 -11.07
CA PRO A 3 0.46 2.14 -10.29
C PRO A 3 0.31 3.26 -9.25
N PHE A 4 0.44 2.94 -7.99
CA PHE A 4 0.30 4.00 -6.94
C PHE A 4 1.21 3.66 -5.76
N SER A 5 1.95 4.63 -5.28
CA SER A 5 2.86 4.38 -4.13
C SER A 5 2.24 4.95 -2.85
N CYS A 6 2.58 4.39 -1.72
CA CYS A 6 1.99 4.90 -0.44
C CYS A 6 2.61 6.26 -0.10
N SER A 7 2.19 6.85 0.99
CA SER A 7 2.75 8.18 1.37
C SER A 7 4.12 7.99 2.06
N LEU A 8 4.12 7.54 3.28
CA LEU A 8 5.42 7.34 3.99
C LEU A 8 5.77 5.86 4.02
N CYS A 9 6.50 5.39 3.05
CA CYS A 9 6.89 3.95 3.01
C CYS A 9 7.15 3.54 1.56
N PRO A 10 8.39 3.61 1.13
CA PRO A 10 8.79 3.25 -0.25
C PRO A 10 8.21 1.89 -0.68
N GLN A 11 6.97 1.86 -1.07
CA GLN A 11 6.36 0.57 -1.51
C GLN A 11 5.22 0.86 -2.49
N ARG A 12 5.07 0.04 -3.49
CA ARG A 12 3.98 0.26 -4.49
C ARG A 12 2.98 -0.89 -4.41
N SER A 13 1.71 -0.59 -4.51
CA SER A 13 0.69 -1.67 -4.44
C SER A 13 -0.16 -1.66 -5.72
N ARG A 14 -1.01 -2.64 -5.90
CA ARG A 14 -1.85 -2.68 -7.12
C ARG A 14 -3.33 -2.56 -6.74
N ASP A 15 -3.85 -3.52 -6.03
CA ASP A 15 -5.28 -3.46 -5.63
C ASP A 15 -5.39 -2.90 -4.21
N PHE A 16 -6.58 -2.78 -3.69
CA PHE A 16 -6.75 -2.25 -2.32
C PHE A 16 -6.44 -3.35 -1.30
N SER A 17 -6.81 -4.56 -1.58
CA SER A 17 -6.52 -5.68 -0.64
C SER A 17 -5.05 -5.62 -0.22
N ALA A 18 -4.16 -5.53 -1.17
CA ALA A 18 -2.71 -5.48 -0.84
C ALA A 18 -2.40 -4.12 -0.20
N MET A 19 -3.01 -3.07 -0.70
CA MET A 19 -2.76 -1.73 -0.12
C MET A 19 -3.32 -1.67 1.31
N THR A 20 -4.38 -2.39 1.55
CA THR A 20 -4.98 -2.38 2.92
C THR A 20 -3.99 -3.04 3.91
N LYS A 21 -3.52 -4.21 3.59
CA LYS A 21 -2.56 -4.88 4.52
C LYS A 21 -1.42 -3.92 4.80
N HIS A 22 -0.98 -3.22 3.80
CA HIS A 22 0.13 -2.25 3.99
C HIS A 22 -0.22 -1.30 5.15
N LEU A 23 -1.44 -0.85 5.21
CA LEU A 23 -1.82 0.06 6.32
C LEU A 23 -1.93 -0.75 7.61
N ARG A 24 -2.48 -1.93 7.54
CA ARG A 24 -2.60 -2.77 8.77
C ARG A 24 -1.20 -3.25 9.15
N THR A 25 -0.27 -3.18 8.24
CA THR A 25 1.12 -3.63 8.55
C THR A 25 1.99 -2.41 8.82
N HIS A 26 1.47 -1.24 8.63
CA HIS A 26 2.27 0.00 8.87
C HIS A 26 3.10 -0.17 10.15
N GLY A 27 4.39 -0.08 10.04
CA GLY A 27 5.25 -0.24 11.24
C GLY A 27 4.66 -1.31 12.16
N GLU A 1 2.47 -0.34 -14.61
CA GLU A 1 1.54 0.82 -14.64
C GLU A 1 1.67 1.63 -13.34
N LYS A 2 0.90 2.66 -13.19
CA LYS A 2 0.98 3.48 -11.94
C LYS A 2 -0.33 3.35 -11.16
N PRO A 3 -0.41 2.35 -10.32
CA PRO A 3 -1.62 2.10 -9.49
C PRO A 3 -1.68 3.03 -8.27
N PHE A 4 -2.64 2.82 -7.41
CA PHE A 4 -2.75 3.69 -6.21
C PHE A 4 -1.64 3.33 -5.21
N SER A 5 -0.86 4.29 -4.81
CA SER A 5 0.24 4.01 -3.84
C SER A 5 -0.17 4.54 -2.46
N CYS A 6 0.58 4.20 -1.44
CA CYS A 6 0.22 4.69 -0.07
C CYS A 6 0.59 6.17 0.06
N SER A 7 0.35 6.75 1.21
CA SER A 7 0.67 8.19 1.40
C SER A 7 2.13 8.33 1.86
N LEU A 8 2.42 7.94 3.07
CA LEU A 8 3.82 8.05 3.58
C LEU A 8 4.44 6.66 3.72
N CYS A 9 5.10 6.20 2.69
CA CYS A 9 5.75 4.86 2.75
C CYS A 9 5.85 4.28 1.34
N PRO A 10 7.02 4.31 0.77
CA PRO A 10 7.26 3.78 -0.61
C PRO A 10 6.63 2.41 -0.82
N GLN A 11 5.34 2.36 -1.05
CA GLN A 11 4.66 1.06 -1.26
C GLN A 11 3.55 1.22 -2.30
N ARG A 12 3.38 0.26 -3.17
CA ARG A 12 2.31 0.35 -4.20
C ARG A 12 1.34 -0.82 -4.03
N SER A 13 0.07 -0.58 -4.18
CA SER A 13 -0.92 -1.68 -4.03
C SER A 13 -2.04 -1.52 -5.07
N ARG A 14 -2.85 -2.54 -5.24
CA ARG A 14 -3.95 -2.45 -6.24
C ARG A 14 -5.26 -2.87 -5.57
N ASP A 15 -5.26 -3.98 -4.90
CA ASP A 15 -6.51 -4.45 -4.22
C ASP A 15 -6.45 -4.06 -2.74
N PHE A 16 -7.56 -3.65 -2.19
CA PHE A 16 -7.57 -3.25 -0.76
C PHE A 16 -6.99 -4.38 0.09
N SER A 17 -7.10 -5.60 -0.37
CA SER A 17 -6.55 -6.75 0.42
C SER A 17 -5.05 -6.53 0.63
N ALA A 18 -4.34 -6.11 -0.38
CA ALA A 18 -2.88 -5.88 -0.22
C ALA A 18 -2.64 -4.52 0.43
N MET A 19 -3.45 -3.55 0.12
CA MET A 19 -3.28 -2.20 0.73
C MET A 19 -3.61 -2.28 2.23
N THR A 20 -4.40 -3.24 2.62
CA THR A 20 -4.76 -3.37 4.06
C THR A 20 -3.54 -3.87 4.85
N LYS A 21 -2.96 -4.95 4.43
CA LYS A 21 -1.77 -5.48 5.15
C LYS A 21 -0.77 -4.34 5.27
N HIS A 22 -0.68 -3.52 4.26
CA HIS A 22 0.26 -2.38 4.31
C HIS A 22 0.01 -1.56 5.58
N LEU A 23 -1.22 -1.27 5.88
CA LEU A 23 -1.51 -0.48 7.10
C LEU A 23 -1.16 -1.34 8.32
N ARG A 24 -1.36 -2.63 8.23
CA ARG A 24 -1.01 -3.51 9.37
C ARG A 24 0.50 -3.74 9.37
N THR A 25 1.12 -3.55 8.23
CA THR A 25 2.59 -3.74 8.13
C THR A 25 3.28 -2.41 8.43
N HIS A 26 2.53 -1.33 8.43
CA HIS A 26 3.13 0.00 8.72
C HIS A 26 4.19 -0.14 9.81
N GLY A 27 5.40 0.20 9.52
CA GLY A 27 6.48 0.08 10.53
C GLY A 27 7.83 0.42 9.91
N GLU A 1 2.16 4.68 -15.85
CA GLU A 1 1.21 3.76 -15.16
C GLU A 1 1.23 4.04 -13.65
N LYS A 2 0.28 4.80 -13.17
CA LYS A 2 0.24 5.11 -11.72
C LYS A 2 -1.03 4.53 -11.11
N PRO A 3 -0.93 3.37 -10.50
CA PRO A 3 -2.09 2.68 -9.88
C PRO A 3 -2.46 3.30 -8.52
N PHE A 4 -2.04 2.70 -7.44
CA PHE A 4 -2.37 3.25 -6.11
C PHE A 4 -1.17 3.07 -5.16
N SER A 5 -0.51 4.14 -4.82
CA SER A 5 0.66 4.02 -3.90
C SER A 5 0.29 4.58 -2.53
N CYS A 6 1.07 4.28 -1.53
CA CYS A 6 0.76 4.79 -0.17
C CYS A 6 1.31 6.22 -0.02
N SER A 7 1.15 6.81 1.14
CA SER A 7 1.67 8.19 1.35
C SER A 7 3.11 8.13 1.83
N LEU A 8 3.32 7.82 3.08
CA LEU A 8 4.71 7.75 3.60
C LEU A 8 5.16 6.28 3.66
N CYS A 9 5.75 5.80 2.61
CA CYS A 9 6.21 4.37 2.59
C CYS A 9 6.29 3.89 1.15
N PRO A 10 7.44 4.00 0.54
CA PRO A 10 7.66 3.57 -0.87
C PRO A 10 7.09 2.19 -1.16
N GLN A 11 5.80 2.09 -1.37
CA GLN A 11 5.19 0.76 -1.66
C GLN A 11 3.89 0.95 -2.42
N ARG A 12 3.49 -0.03 -3.18
CA ARG A 12 2.22 0.10 -3.96
C ARG A 12 1.38 -1.16 -3.77
N SER A 13 0.09 -1.06 -3.93
CA SER A 13 -0.78 -2.25 -3.76
C SER A 13 -1.73 -2.36 -4.96
N ARG A 14 -2.53 -3.39 -5.00
CA ARG A 14 -3.47 -3.56 -6.13
C ARG A 14 -4.90 -3.73 -5.60
N ASP A 15 -5.07 -4.56 -4.61
CA ASP A 15 -6.44 -4.77 -4.04
C ASP A 15 -6.45 -4.30 -2.58
N PHE A 16 -7.47 -3.59 -2.19
CA PHE A 16 -7.54 -3.11 -0.79
C PHE A 16 -7.00 -4.18 0.16
N SER A 17 -7.24 -5.43 -0.15
CA SER A 17 -6.73 -6.53 0.73
C SER A 17 -5.24 -6.31 0.99
N ALA A 18 -4.45 -6.24 -0.04
CA ALA A 18 -2.99 -6.04 0.15
C ALA A 18 -2.74 -4.64 0.70
N MET A 19 -3.54 -3.68 0.31
CA MET A 19 -3.35 -2.29 0.81
C MET A 19 -3.62 -2.25 2.32
N THR A 20 -4.61 -2.99 2.77
CA THR A 20 -4.92 -2.99 4.23
C THR A 20 -3.74 -3.56 5.01
N LYS A 21 -3.24 -4.70 4.61
CA LYS A 21 -2.09 -5.30 5.34
C LYS A 21 -0.99 -4.25 5.41
N HIS A 22 -0.75 -3.55 4.34
CA HIS A 22 0.30 -2.51 4.34
C HIS A 22 0.07 -1.55 5.51
N LEU A 23 -1.15 -1.16 5.75
CA LEU A 23 -1.42 -0.23 6.88
C LEU A 23 -1.29 -1.01 8.19
N ARG A 24 -1.73 -2.23 8.23
CA ARG A 24 -1.61 -3.03 9.47
C ARG A 24 -0.15 -3.45 9.65
N THR A 25 0.62 -3.37 8.60
CA THR A 25 2.06 -3.75 8.70
C THR A 25 2.91 -2.48 8.78
N HIS A 26 2.30 -1.34 8.59
CA HIS A 26 3.06 -0.07 8.66
C HIS A 26 4.15 -0.18 9.72
N GLY A 27 5.37 -0.37 9.31
CA GLY A 27 6.48 -0.50 10.30
C GLY A 27 6.10 -1.51 11.38
N GLU A 1 -2.94 5.72 -15.53
CA GLU A 1 -3.16 4.65 -14.51
C GLU A 1 -1.99 4.64 -13.52
N LYS A 2 -1.87 5.65 -12.72
CA LYS A 2 -0.75 5.69 -11.74
C LYS A 2 -0.81 4.45 -10.84
N PRO A 3 0.32 4.00 -10.38
CA PRO A 3 0.42 2.80 -9.49
C PRO A 3 -0.09 3.09 -8.07
N PHE A 4 -0.94 2.24 -7.55
CA PHE A 4 -1.48 2.47 -6.18
C PHE A 4 -0.33 2.44 -5.17
N SER A 5 0.52 3.42 -5.20
CA SER A 5 1.67 3.44 -4.24
C SER A 5 1.22 4.13 -2.94
N CYS A 6 1.84 3.78 -1.84
CA CYS A 6 1.45 4.42 -0.55
C CYS A 6 2.04 5.84 -0.46
N SER A 7 1.83 6.52 0.63
CA SER A 7 2.37 7.89 0.77
C SER A 7 3.77 7.82 1.42
N LEU A 8 3.84 7.36 2.64
CA LEU A 8 5.15 7.28 3.33
C LEU A 8 5.57 5.81 3.47
N CYS A 9 6.28 5.28 2.51
CA CYS A 9 6.72 3.86 2.58
C CYS A 9 6.86 3.31 1.16
N PRO A 10 8.05 3.36 0.62
CA PRO A 10 8.32 2.86 -0.76
C PRO A 10 7.72 1.47 -1.00
N GLN A 11 6.43 1.40 -1.21
CA GLN A 11 5.78 0.08 -1.44
C GLN A 11 4.57 0.27 -2.36
N ARG A 12 4.30 -0.69 -3.21
CA ARG A 12 3.14 -0.57 -4.13
C ARG A 12 2.20 -1.76 -3.92
N SER A 13 0.92 -1.53 -4.02
CA SER A 13 -0.06 -2.65 -3.83
C SER A 13 -1.05 -2.67 -4.99
N ARG A 14 -2.09 -3.45 -4.89
CA ARG A 14 -3.08 -3.52 -5.98
C ARG A 14 -4.48 -3.80 -5.40
N ASP A 15 -4.58 -4.79 -4.56
CA ASP A 15 -5.92 -5.10 -3.96
C ASP A 15 -5.96 -4.57 -2.53
N PHE A 16 -7.06 -3.98 -2.14
CA PHE A 16 -7.17 -3.45 -0.75
C PHE A 16 -6.64 -4.48 0.24
N SER A 17 -6.93 -5.73 0.02
CA SER A 17 -6.44 -6.79 0.94
C SER A 17 -4.93 -6.61 1.17
N ALA A 18 -4.20 -6.33 0.12
CA ALA A 18 -2.72 -6.14 0.28
C ALA A 18 -2.44 -4.70 0.68
N MET A 19 -3.24 -3.77 0.23
CA MET A 19 -3.01 -2.34 0.58
C MET A 19 -3.45 -2.11 2.04
N THR A 20 -4.33 -2.93 2.53
CA THR A 20 -4.79 -2.76 3.94
C THR A 20 -3.72 -3.26 4.90
N LYS A 21 -3.23 -4.44 4.70
CA LYS A 21 -2.18 -4.98 5.60
C LYS A 21 -1.07 -3.94 5.70
N HIS A 22 -0.76 -3.30 4.61
CA HIS A 22 0.31 -2.26 4.63
C HIS A 22 -0.01 -1.25 5.73
N LEU A 23 -1.22 -0.78 5.79
CA LEU A 23 -1.58 0.21 6.84
C LEU A 23 -1.65 -0.52 8.19
N ARG A 24 -2.09 -1.74 8.19
CA ARG A 24 -2.16 -2.51 9.46
C ARG A 24 -0.75 -2.95 9.84
N THR A 25 0.17 -2.88 8.92
CA THR A 25 1.57 -3.27 9.21
C THR A 25 2.46 -2.03 9.24
N HIS A 26 1.88 -0.88 9.01
CA HIS A 26 2.69 0.37 9.03
C HIS A 26 3.68 0.33 10.20
N GLY A 27 3.47 -0.57 11.13
CA GLY A 27 4.40 -0.66 12.29
C GLY A 27 4.39 -2.10 12.84
N GLU A 1 -4.75 2.15 -15.08
CA GLU A 1 -4.21 1.30 -13.99
C GLU A 1 -3.01 1.99 -13.34
N LYS A 2 -3.20 3.17 -12.82
CA LYS A 2 -2.07 3.89 -12.18
C LYS A 2 -1.66 3.17 -10.89
N PRO A 3 -0.40 3.25 -10.55
CA PRO A 3 0.14 2.58 -9.33
C PRO A 3 -0.30 3.29 -8.04
N PHE A 4 -0.59 2.54 -7.01
CA PHE A 4 -1.03 3.17 -5.73
C PHE A 4 0.10 3.09 -4.70
N SER A 5 0.81 4.17 -4.50
CA SER A 5 1.93 4.15 -3.50
C SER A 5 1.41 4.66 -2.16
N CYS A 6 2.01 4.23 -1.08
CA CYS A 6 1.55 4.69 0.26
C CYS A 6 2.09 6.10 0.52
N SER A 7 1.84 6.63 1.69
CA SER A 7 2.34 8.00 2.01
C SER A 7 3.71 7.90 2.67
N LEU A 8 3.75 7.45 3.90
CA LEU A 8 5.06 7.33 4.60
C LEU A 8 5.50 5.87 4.61
N CYS A 9 6.25 5.46 3.63
CA CYS A 9 6.70 4.04 3.57
C CYS A 9 6.92 3.64 2.11
N PRO A 10 8.12 3.80 1.62
CA PRO A 10 8.46 3.46 0.21
C PRO A 10 7.93 2.08 -0.19
N GLN A 11 6.66 1.99 -0.52
CA GLN A 11 6.09 0.68 -0.92
C GLN A 11 4.92 0.92 -1.89
N ARG A 12 4.78 0.09 -2.88
CA ARG A 12 3.67 0.26 -3.85
C ARG A 12 2.86 -1.03 -3.94
N SER A 13 1.55 -0.93 -3.87
CA SER A 13 0.71 -2.15 -3.94
C SER A 13 -0.09 -2.13 -5.25
N ARG A 14 -0.39 -3.28 -5.79
CA ARG A 14 -1.14 -3.32 -7.07
C ARG A 14 -2.65 -3.33 -6.78
N ASP A 15 -3.03 -3.69 -5.58
CA ASP A 15 -4.47 -3.73 -5.23
C ASP A 15 -4.66 -3.22 -3.80
N PHE A 16 -5.74 -2.52 -3.54
CA PHE A 16 -5.97 -2.01 -2.17
C PHE A 16 -6.00 -3.18 -1.17
N SER A 17 -6.52 -4.30 -1.58
CA SER A 17 -6.56 -5.47 -0.66
C SER A 17 -5.18 -5.67 -0.03
N ALA A 18 -4.15 -5.50 -0.80
CA ALA A 18 -2.77 -5.67 -0.26
C ALA A 18 -2.32 -4.35 0.39
N MET A 19 -2.83 -3.25 -0.08
CA MET A 19 -2.44 -1.94 0.51
C MET A 19 -3.04 -1.83 1.91
N THR A 20 -4.14 -2.48 2.16
CA THR A 20 -4.77 -2.40 3.50
C THR A 20 -3.86 -3.10 4.51
N LYS A 21 -3.45 -4.31 4.23
CA LYS A 21 -2.56 -5.04 5.17
C LYS A 21 -1.35 -4.15 5.45
N HIS A 22 -0.86 -3.47 4.45
CA HIS A 22 0.30 -2.58 4.65
C HIS A 22 0.00 -1.62 5.80
N LEU A 23 -1.19 -1.08 5.84
CA LEU A 23 -1.52 -0.13 6.94
C LEU A 23 -1.68 -0.92 8.25
N ARG A 24 -2.29 -2.07 8.17
CA ARG A 24 -2.46 -2.90 9.39
C ARG A 24 -1.10 -3.50 9.77
N THR A 25 -0.18 -3.50 8.85
CA THR A 25 1.17 -4.05 9.14
C THR A 25 2.15 -2.90 9.35
N HIS A 26 1.72 -1.70 9.15
CA HIS A 26 2.62 -0.52 9.34
C HIS A 26 3.59 -0.81 10.48
N GLY A 27 4.78 -0.26 10.41
CA GLY A 27 5.78 -0.50 11.49
C GLY A 27 7.01 -1.19 10.90
N GLU A 1 3.04 5.07 -13.38
CA GLU A 1 2.91 4.80 -11.92
C GLU A 1 1.52 4.24 -11.63
N LYS A 2 1.44 3.24 -10.80
CA LYS A 2 0.11 2.64 -10.47
C LYS A 2 -0.66 3.60 -9.56
N PRO A 3 -1.75 4.15 -10.05
CA PRO A 3 -2.59 5.10 -9.26
C PRO A 3 -2.92 4.56 -7.85
N PHE A 4 -2.37 3.44 -7.49
CA PHE A 4 -2.66 2.86 -6.15
C PHE A 4 -1.40 2.96 -5.27
N SER A 5 -1.03 4.15 -4.89
CA SER A 5 0.17 4.30 -4.02
C SER A 5 -0.27 4.62 -2.59
N CYS A 6 0.58 4.39 -1.63
CA CYS A 6 0.20 4.69 -0.22
C CYS A 6 0.20 6.20 0.01
N SER A 7 -0.11 6.63 1.20
CA SER A 7 -0.11 8.10 1.48
C SER A 7 1.27 8.55 1.94
N LEU A 8 1.86 7.84 2.87
CA LEU A 8 3.21 8.23 3.36
C LEU A 8 4.15 7.03 3.27
N CYS A 9 4.84 6.88 2.18
CA CYS A 9 5.79 5.73 2.03
C CYS A 9 5.88 5.35 0.54
N PRO A 10 7.07 5.14 0.04
CA PRO A 10 7.29 4.75 -1.38
C PRO A 10 6.91 3.29 -1.65
N GLN A 11 5.64 3.02 -1.76
CA GLN A 11 5.21 1.62 -2.03
C GLN A 11 3.88 1.63 -2.78
N ARG A 12 3.70 0.73 -3.71
CA ARG A 12 2.42 0.69 -4.48
C ARG A 12 1.77 -0.69 -4.32
N SER A 13 0.48 -0.75 -4.39
CA SER A 13 -0.22 -2.07 -4.23
C SER A 13 -1.13 -2.29 -5.44
N ARG A 14 -1.93 -3.32 -5.39
CA ARG A 14 -2.85 -3.61 -6.53
C ARG A 14 -4.30 -3.52 -6.05
N ASP A 15 -4.66 -4.32 -5.08
CA ASP A 15 -6.07 -4.28 -4.57
C ASP A 15 -6.06 -3.76 -3.13
N PHE A 16 -7.20 -3.35 -2.64
CA PHE A 16 -7.25 -2.83 -1.24
C PHE A 16 -6.86 -3.96 -0.28
N SER A 17 -7.18 -5.17 -0.60
CA SER A 17 -6.82 -6.31 0.30
C SER A 17 -5.33 -6.26 0.60
N ALA A 18 -4.51 -6.05 -0.40
CA ALA A 18 -3.04 -5.99 -0.17
C ALA A 18 -2.67 -4.62 0.40
N MET A 19 -3.25 -3.57 -0.12
CA MET A 19 -2.93 -2.20 0.40
C MET A 19 -3.28 -2.14 1.89
N THR A 20 -4.22 -2.93 2.33
CA THR A 20 -4.58 -2.91 3.77
C THR A 20 -3.43 -3.48 4.60
N LYS A 21 -2.93 -4.62 4.24
CA LYS A 21 -1.80 -5.22 5.00
C LYS A 21 -0.69 -4.18 5.11
N HIS A 22 -0.48 -3.44 4.07
CA HIS A 22 0.58 -2.39 4.09
C HIS A 22 0.32 -1.45 5.26
N LEU A 23 -0.89 -1.04 5.47
CA LEU A 23 -1.18 -0.12 6.60
C LEU A 23 -1.04 -0.89 7.91
N ARG A 24 -1.43 -2.13 7.93
CA ARG A 24 -1.31 -2.93 9.17
C ARG A 24 0.17 -3.33 9.34
N THR A 25 0.90 -3.37 8.26
CA THR A 25 2.34 -3.74 8.35
C THR A 25 3.18 -2.47 8.46
N HIS A 26 2.57 -1.33 8.30
CA HIS A 26 3.33 -0.05 8.40
C HIS A 26 4.45 -0.20 9.43
N GLY A 27 4.13 -0.62 10.62
CA GLY A 27 5.19 -0.78 11.66
C GLY A 27 4.55 -1.33 12.94
N GLU A 1 -6.12 1.04 -12.49
CA GLU A 1 -5.42 1.12 -13.80
C GLU A 1 -3.94 1.42 -13.58
N LYS A 2 -3.63 2.13 -12.52
CA LYS A 2 -2.21 2.46 -12.23
C LYS A 2 -1.89 2.13 -10.77
N PRO A 3 -0.66 1.77 -10.50
CA PRO A 3 -0.20 1.42 -9.12
C PRO A 3 -0.21 2.64 -8.19
N PHE A 4 -0.45 2.43 -6.93
CA PHE A 4 -0.47 3.58 -5.98
C PHE A 4 0.54 3.32 -4.84
N SER A 5 1.32 4.30 -4.50
CA SER A 5 2.31 4.12 -3.40
C SER A 5 1.68 4.58 -2.09
N CYS A 6 2.28 4.24 -0.98
CA CYS A 6 1.71 4.65 0.32
C CYS A 6 1.98 6.15 0.55
N SER A 7 1.54 6.67 1.66
CA SER A 7 1.76 8.12 1.94
C SER A 7 3.15 8.32 2.55
N LEU A 8 3.52 7.48 3.49
CA LEU A 8 4.86 7.64 4.13
C LEU A 8 5.52 6.27 4.29
N CYS A 9 6.30 5.86 3.32
CA CYS A 9 7.00 4.55 3.41
C CYS A 9 7.24 4.02 1.99
N PRO A 10 8.40 3.44 1.76
CA PRO A 10 8.77 2.88 0.43
C PRO A 10 8.03 1.57 0.13
N GLN A 11 6.77 1.65 -0.22
CA GLN A 11 6.00 0.42 -0.52
C GLN A 11 4.90 0.73 -1.54
N ARG A 12 4.67 -0.15 -2.47
CA ARG A 12 3.62 0.11 -3.50
C ARG A 12 2.68 -1.10 -3.57
N SER A 13 1.46 -0.89 -3.98
CA SER A 13 0.50 -2.03 -4.08
C SER A 13 -0.32 -1.89 -5.36
N ARG A 14 -0.96 -2.95 -5.78
CA ARG A 14 -1.77 -2.89 -7.02
C ARG A 14 -3.26 -2.81 -6.65
N ASP A 15 -3.65 -3.47 -5.60
CA ASP A 15 -5.08 -3.43 -5.18
C ASP A 15 -5.18 -2.96 -3.74
N PHE A 16 -6.16 -2.15 -3.43
CA PHE A 16 -6.30 -1.66 -2.03
C PHE A 16 -6.18 -2.84 -1.07
N SER A 17 -6.64 -3.99 -1.46
CA SER A 17 -6.55 -5.18 -0.56
C SER A 17 -5.12 -5.30 -0.04
N ALA A 18 -4.16 -5.36 -0.93
CA ALA A 18 -2.75 -5.48 -0.48
C ALA A 18 -2.30 -4.15 0.12
N MET A 19 -2.88 -3.07 -0.32
CA MET A 19 -2.49 -1.74 0.23
C MET A 19 -3.03 -1.60 1.65
N THR A 20 -4.08 -2.30 1.97
CA THR A 20 -4.66 -2.21 3.33
C THR A 20 -3.73 -2.92 4.33
N LYS A 21 -3.32 -4.11 4.01
CA LYS A 21 -2.40 -4.84 4.94
C LYS A 21 -1.23 -3.93 5.25
N HIS A 22 -0.78 -3.19 4.28
CA HIS A 22 0.35 -2.27 4.50
C HIS A 22 0.05 -1.38 5.71
N LEU A 23 -1.13 -0.81 5.76
CA LEU A 23 -1.46 0.07 6.92
C LEU A 23 -1.50 -0.80 8.18
N ARG A 24 -2.01 -2.00 8.07
CA ARG A 24 -2.06 -2.90 9.25
C ARG A 24 -0.64 -3.40 9.53
N THR A 25 0.20 -3.34 8.54
CA THR A 25 1.61 -3.81 8.73
C THR A 25 2.51 -2.61 9.01
N HIS A 26 1.98 -1.42 8.86
CA HIS A 26 2.80 -0.20 9.12
C HIS A 26 3.75 -0.47 10.28
N GLY A 27 3.25 -0.92 11.39
CA GLY A 27 4.13 -1.21 12.56
C GLY A 27 3.53 -0.56 13.82
N GLU A 1 -2.55 5.63 -15.39
CA GLU A 1 -2.57 4.25 -14.82
C GLU A 1 -1.16 3.89 -14.32
N LYS A 2 -0.87 4.21 -13.09
CA LYS A 2 0.47 3.89 -12.54
C LYS A 2 0.32 3.19 -11.19
N PRO A 3 1.25 2.34 -10.85
CA PRO A 3 1.24 1.58 -9.57
C PRO A 3 0.82 2.46 -8.39
N PHE A 4 -0.27 2.13 -7.75
CA PHE A 4 -0.73 2.94 -6.59
C PHE A 4 0.24 2.75 -5.41
N SER A 5 0.76 3.81 -4.88
CA SER A 5 1.70 3.69 -3.73
C SER A 5 1.07 4.30 -2.48
N CYS A 6 1.51 3.89 -1.32
CA CYS A 6 0.93 4.43 -0.06
C CYS A 6 1.45 5.85 0.15
N SER A 7 1.02 6.50 1.20
CA SER A 7 1.48 7.89 1.47
C SER A 7 2.96 7.88 1.88
N LEU A 8 3.23 7.61 3.12
CA LEU A 8 4.65 7.59 3.58
C LEU A 8 5.13 6.14 3.69
N CYS A 9 5.71 5.62 2.64
CA CYS A 9 6.21 4.20 2.67
C CYS A 9 6.29 3.67 1.24
N PRO A 10 7.44 3.77 0.64
CA PRO A 10 7.66 3.29 -0.76
C PRO A 10 7.12 1.87 -0.97
N GLN A 11 5.84 1.74 -1.17
CA GLN A 11 5.25 0.39 -1.40
C GLN A 11 4.07 0.50 -2.36
N ARG A 12 4.00 -0.38 -3.33
CA ARG A 12 2.88 -0.34 -4.30
C ARG A 12 1.97 -1.54 -4.11
N SER A 13 0.68 -1.33 -4.06
CA SER A 13 -0.26 -2.47 -3.88
C SER A 13 -1.22 -2.55 -5.06
N ARG A 14 -1.87 -3.67 -5.25
CA ARG A 14 -2.81 -3.80 -6.39
C ARG A 14 -4.22 -4.06 -5.87
N ASP A 15 -4.36 -4.26 -4.57
CA ASP A 15 -5.71 -4.51 -4.01
C ASP A 15 -5.80 -3.90 -2.61
N PHE A 16 -6.98 -3.74 -2.09
CA PHE A 16 -7.12 -3.14 -0.73
C PHE A 16 -6.66 -4.16 0.32
N SER A 17 -6.97 -5.41 0.13
CA SER A 17 -6.54 -6.45 1.11
C SER A 17 -5.04 -6.28 1.39
N ALA A 18 -4.23 -6.32 0.36
CA ALA A 18 -2.77 -6.17 0.57
C ALA A 18 -2.48 -4.76 1.10
N MET A 19 -3.29 -3.80 0.75
CA MET A 19 -3.08 -2.41 1.24
C MET A 19 -3.46 -2.34 2.72
N THR A 20 -4.44 -3.10 3.14
CA THR A 20 -4.85 -3.06 4.56
C THR A 20 -3.70 -3.56 5.44
N LYS A 21 -3.17 -4.72 5.15
CA LYS A 21 -2.05 -5.25 5.96
C LYS A 21 -0.94 -4.20 5.99
N HIS A 22 -0.73 -3.52 4.89
CA HIS A 22 0.32 -2.48 4.84
C HIS A 22 0.07 -1.45 5.96
N LEU A 23 -1.16 -1.09 6.18
CA LEU A 23 -1.44 -0.09 7.25
C LEU A 23 -1.26 -0.77 8.61
N ARG A 24 -1.64 -2.01 8.73
CA ARG A 24 -1.46 -2.73 10.02
C ARG A 24 0.00 -3.10 10.17
N THR A 25 0.72 -3.19 9.07
CA THR A 25 2.15 -3.56 9.15
C THR A 25 2.99 -2.27 9.19
N HIS A 26 2.37 -1.15 8.95
CA HIS A 26 3.11 0.15 8.98
C HIS A 26 4.25 0.07 10.00
N GLY A 27 3.96 0.30 11.24
CA GLY A 27 5.03 0.24 12.29
C GLY A 27 6.10 1.28 11.98
N GLU A 1 -5.82 0.33 -13.24
CA GLU A 1 -5.14 0.52 -11.93
C GLU A 1 -3.69 0.96 -12.18
N LYS A 2 -3.38 2.20 -11.84
CA LYS A 2 -2.00 2.69 -12.05
C LYS A 2 -1.15 2.41 -10.81
N PRO A 3 0.14 2.27 -10.98
CA PRO A 3 1.08 2.00 -9.85
C PRO A 3 0.74 2.84 -8.61
N PHE A 4 -0.12 2.35 -7.76
CA PHE A 4 -0.48 3.13 -6.54
C PHE A 4 0.57 2.86 -5.45
N SER A 5 1.20 3.90 -4.98
CA SER A 5 2.23 3.71 -3.91
C SER A 5 1.70 4.29 -2.60
N CYS A 6 2.23 3.87 -1.49
CA CYS A 6 1.75 4.40 -0.18
C CYS A 6 2.34 5.79 0.05
N SER A 7 2.03 6.39 1.18
CA SER A 7 2.57 7.75 1.47
C SER A 7 3.97 7.63 2.10
N LEU A 8 4.04 7.10 3.28
CA LEU A 8 5.37 6.96 3.95
C LEU A 8 5.74 5.48 4.06
N CYS A 9 6.45 4.98 3.09
CA CYS A 9 6.86 3.54 3.13
C CYS A 9 7.05 3.03 1.69
N PRO A 10 8.27 3.01 1.23
CA PRO A 10 8.59 2.55 -0.15
C PRO A 10 7.93 1.21 -0.48
N GLN A 11 6.66 1.22 -0.78
CA GLN A 11 5.95 -0.04 -1.10
C GLN A 11 4.78 0.25 -2.04
N ARG A 12 4.54 -0.60 -3.01
CA ARG A 12 3.41 -0.36 -3.95
C ARG A 12 2.38 -1.49 -3.82
N SER A 13 1.19 -1.26 -4.30
CA SER A 13 0.14 -2.32 -4.21
C SER A 13 -0.74 -2.27 -5.46
N ARG A 14 -1.30 -3.38 -5.86
CA ARG A 14 -2.17 -3.39 -7.06
C ARG A 14 -3.62 -3.13 -6.65
N ASP A 15 -4.08 -3.79 -5.62
CA ASP A 15 -5.47 -3.58 -5.17
C ASP A 15 -5.47 -2.92 -3.79
N PHE A 16 -6.56 -2.32 -3.39
CA PHE A 16 -6.60 -1.67 -2.05
C PHE A 16 -6.51 -2.75 -0.96
N SER A 17 -7.08 -3.90 -1.20
CA SER A 17 -7.02 -4.98 -0.18
C SER A 17 -5.58 -5.16 0.29
N ALA A 18 -4.68 -5.43 -0.62
CA ALA A 18 -3.26 -5.61 -0.22
C ALA A 18 -2.73 -4.28 0.36
N MET A 19 -3.18 -3.18 -0.17
CA MET A 19 -2.71 -1.86 0.34
C MET A 19 -3.25 -1.64 1.76
N THR A 20 -4.39 -2.20 2.06
CA THR A 20 -4.97 -2.02 3.42
C THR A 20 -4.12 -2.79 4.44
N LYS A 21 -3.82 -4.04 4.17
CA LYS A 21 -3.00 -4.81 5.13
C LYS A 21 -1.75 -3.99 5.42
N HIS A 22 -1.21 -3.38 4.40
CA HIS A 22 0.00 -2.55 4.59
C HIS A 22 -0.24 -1.55 5.73
N LEU A 23 -1.34 -0.86 5.69
CA LEU A 23 -1.63 0.12 6.78
C LEU A 23 -1.60 -0.59 8.12
N ARG A 24 -2.23 -1.73 8.21
CA ARG A 24 -2.22 -2.50 9.49
C ARG A 24 -0.83 -3.09 9.68
N THR A 25 -0.06 -3.16 8.62
CA THR A 25 1.32 -3.71 8.74
C THR A 25 2.32 -2.55 8.82
N HIS A 26 1.85 -1.34 8.69
CA HIS A 26 2.76 -0.18 8.77
C HIS A 26 3.90 -0.48 9.75
N GLY A 27 3.64 -1.29 10.75
CA GLY A 27 4.70 -1.63 11.73
C GLY A 27 5.23 -3.03 11.44
N GLU A 1 -2.14 1.69 -16.17
CA GLU A 1 -2.33 2.57 -14.98
C GLU A 1 -1.20 2.32 -13.98
N LYS A 2 -0.88 3.30 -13.18
CA LYS A 2 0.22 3.11 -12.19
C LYS A 2 -0.37 2.54 -10.89
N PRO A 3 0.40 1.77 -10.18
CA PRO A 3 -0.03 1.14 -8.90
C PRO A 3 -0.24 2.18 -7.79
N PHE A 4 -1.35 2.12 -7.11
CA PHE A 4 -1.62 3.11 -6.03
C PHE A 4 -0.50 3.03 -4.98
N SER A 5 0.25 4.08 -4.82
CA SER A 5 1.36 4.07 -3.82
C SER A 5 0.78 4.31 -2.43
N CYS A 6 1.56 4.13 -1.41
CA CYS A 6 1.05 4.35 -0.02
C CYS A 6 1.06 5.85 0.30
N SER A 7 0.61 6.21 1.48
CA SER A 7 0.59 7.65 1.86
C SER A 7 2.00 8.10 2.27
N LEU A 8 2.63 7.38 3.17
CA LEU A 8 3.99 7.77 3.61
C LEU A 8 4.88 6.53 3.70
N CYS A 9 5.68 6.29 2.68
CA CYS A 9 6.60 5.10 2.70
C CYS A 9 6.78 4.61 1.26
N PRO A 10 7.97 4.15 0.94
CA PRO A 10 8.28 3.64 -0.43
C PRO A 10 7.68 2.26 -0.68
N GLN A 11 6.39 2.19 -0.90
CA GLN A 11 5.75 0.87 -1.16
C GLN A 11 4.49 1.09 -2.01
N ARG A 12 4.15 0.13 -2.83
CA ARG A 12 2.94 0.28 -3.68
C ARG A 12 2.14 -1.02 -3.67
N SER A 13 0.84 -0.94 -3.77
CA SER A 13 0.00 -2.17 -3.77
C SER A 13 -0.93 -2.15 -4.99
N ARG A 14 -1.51 -3.27 -5.32
CA ARG A 14 -2.43 -3.33 -6.48
C ARG A 14 -3.88 -3.33 -5.99
N ASP A 15 -4.18 -4.15 -5.02
CA ASP A 15 -5.58 -4.20 -4.49
C ASP A 15 -5.60 -3.68 -3.06
N PHE A 16 -6.74 -3.26 -2.58
CA PHE A 16 -6.82 -2.74 -1.19
C PHE A 16 -6.38 -3.83 -0.21
N SER A 17 -6.70 -5.06 -0.48
CA SER A 17 -6.30 -6.16 0.44
C SER A 17 -4.80 -6.03 0.75
N ALA A 18 -3.97 -6.07 -0.25
CA ALA A 18 -2.51 -5.95 -0.02
C ALA A 18 -2.19 -4.58 0.55
N MET A 19 -2.92 -3.58 0.15
CA MET A 19 -2.67 -2.21 0.67
C MET A 19 -3.13 -2.12 2.12
N THR A 20 -4.11 -2.90 2.49
CA THR A 20 -4.60 -2.87 3.90
C THR A 20 -3.55 -3.49 4.81
N LYS A 21 -3.11 -4.68 4.51
CA LYS A 21 -2.08 -5.33 5.37
C LYS A 21 -0.92 -4.36 5.55
N HIS A 22 -0.57 -3.66 4.51
CA HIS A 22 0.54 -2.68 4.60
C HIS A 22 0.28 -1.73 5.78
N LEU A 23 -0.93 -1.26 5.92
CA LEU A 23 -1.23 -0.33 7.05
C LEU A 23 -1.13 -1.12 8.36
N ARG A 24 -1.60 -2.33 8.38
CA ARG A 24 -1.51 -3.14 9.62
C ARG A 24 -0.05 -3.57 9.81
N THR A 25 0.71 -3.52 8.77
CA THR A 25 2.15 -3.92 8.85
C THR A 25 3.01 -2.65 8.95
N HIS A 26 2.40 -1.51 8.83
CA HIS A 26 3.17 -0.23 8.91
C HIS A 26 4.24 -0.34 10.00
N GLY A 27 5.35 0.30 9.81
CA GLY A 27 6.44 0.23 10.84
C GLY A 27 6.02 1.03 12.07
N GLU A 1 -5.87 0.36 -14.08
CA GLU A 1 -5.36 0.73 -12.72
C GLU A 1 -3.91 1.20 -12.83
N LYS A 2 -3.58 2.29 -12.20
CA LYS A 2 -2.18 2.79 -12.26
C LYS A 2 -1.46 2.46 -10.95
N PRO A 3 -0.17 2.30 -11.01
CA PRO A 3 0.67 1.98 -9.81
C PRO A 3 0.22 2.77 -8.58
N PHE A 4 0.08 2.11 -7.46
CA PHE A 4 -0.35 2.81 -6.22
C PHE A 4 0.68 2.59 -5.11
N SER A 5 1.41 3.61 -4.75
CA SER A 5 2.43 3.46 -3.67
C SER A 5 1.96 4.23 -2.45
N CYS A 6 2.37 3.81 -1.28
CA CYS A 6 1.94 4.53 -0.04
C CYS A 6 2.75 5.83 0.11
N SER A 7 2.50 6.58 1.15
CA SER A 7 3.25 7.85 1.33
C SER A 7 4.60 7.56 1.98
N LEU A 8 4.66 7.55 3.29
CA LEU A 8 5.95 7.28 3.96
C LEU A 8 6.08 5.78 4.22
N CYS A 9 6.66 5.06 3.30
CA CYS A 9 6.81 3.60 3.46
C CYS A 9 7.01 2.95 2.09
N PRO A 10 8.24 2.80 1.67
CA PRO A 10 8.58 2.19 0.36
C PRO A 10 7.80 0.91 0.08
N GLN A 11 6.57 1.01 -0.33
CA GLN A 11 5.77 -0.21 -0.62
C GLN A 11 4.77 0.08 -1.74
N ARG A 12 4.64 -0.82 -2.68
CA ARG A 12 3.68 -0.60 -3.80
C ARG A 12 2.74 -1.80 -3.92
N SER A 13 1.46 -1.57 -3.91
CA SER A 13 0.50 -2.71 -4.02
C SER A 13 -0.30 -2.59 -5.32
N ARG A 14 -1.35 -3.35 -5.45
CA ARG A 14 -2.18 -3.28 -6.68
C ARG A 14 -3.65 -3.06 -6.30
N ASP A 15 -4.13 -3.83 -5.36
CA ASP A 15 -5.56 -3.68 -4.93
C ASP A 15 -5.60 -3.17 -3.49
N PHE A 16 -6.77 -2.86 -3.00
CA PHE A 16 -6.87 -2.36 -1.59
C PHE A 16 -6.68 -3.53 -0.62
N SER A 17 -7.13 -4.69 -0.98
CA SER A 17 -6.98 -5.87 -0.07
C SER A 17 -5.52 -5.99 0.35
N ALA A 18 -4.60 -5.83 -0.56
CA ALA A 18 -3.16 -5.94 -0.20
C ALA A 18 -2.66 -4.58 0.29
N MET A 19 -3.16 -3.51 -0.26
CA MET A 19 -2.72 -2.16 0.18
C MET A 19 -3.23 -1.90 1.60
N THR A 20 -4.34 -2.49 1.95
CA THR A 20 -4.90 -2.27 3.32
C THR A 20 -3.98 -2.91 4.35
N LYS A 21 -3.56 -4.13 4.11
CA LYS A 21 -2.66 -4.81 5.08
C LYS A 21 -1.47 -3.90 5.35
N HIS A 22 -0.99 -3.25 4.33
CA HIS A 22 0.17 -2.33 4.50
C HIS A 22 -0.13 -1.33 5.62
N LEU A 23 -1.30 -0.76 5.63
CA LEU A 23 -1.64 0.21 6.70
C LEU A 23 -1.70 -0.53 8.04
N ARG A 24 -2.26 -1.71 8.03
CA ARG A 24 -2.35 -2.50 9.29
C ARG A 24 -0.98 -3.06 9.63
N THR A 25 -0.11 -3.12 8.66
CA THR A 25 1.27 -3.64 8.91
C THR A 25 2.21 -2.47 9.15
N HIS A 26 1.77 -1.27 8.87
CA HIS A 26 2.64 -0.08 9.09
C HIS A 26 3.58 -0.32 10.26
N GLY A 27 3.08 -0.92 11.31
CA GLY A 27 3.95 -1.19 12.49
C GLY A 27 3.12 -1.06 13.77
N GLU A 1 -7.23 0.95 -11.14
CA GLU A 1 -6.27 -0.19 -11.29
C GLU A 1 -4.85 0.36 -11.35
N LYS A 2 -4.69 1.59 -11.77
CA LYS A 2 -3.32 2.18 -11.86
C LYS A 2 -2.58 1.93 -10.54
N PRO A 3 -1.30 1.69 -10.61
CA PRO A 3 -0.46 1.44 -9.41
C PRO A 3 -0.22 2.71 -8.60
N PHE A 4 -0.01 2.58 -7.32
CA PHE A 4 0.25 3.78 -6.47
C PHE A 4 1.16 3.41 -5.30
N SER A 5 1.70 4.38 -4.63
CA SER A 5 2.62 4.09 -3.49
C SER A 5 2.01 4.63 -2.20
N CYS A 6 2.41 4.12 -1.07
CA CYS A 6 1.85 4.60 0.22
C CYS A 6 2.36 6.02 0.48
N SER A 7 2.01 6.58 1.61
CA SER A 7 2.47 7.96 1.93
C SER A 7 3.85 7.89 2.60
N LEU A 8 3.94 7.33 3.77
CA LEU A 8 5.25 7.24 4.46
C LEU A 8 5.66 5.76 4.58
N CYS A 9 6.40 5.27 3.61
CA CYS A 9 6.84 3.85 3.67
C CYS A 9 7.11 3.35 2.24
N PRO A 10 8.36 3.29 1.86
CA PRO A 10 8.75 2.83 0.50
C PRO A 10 8.06 1.51 0.11
N GLN A 11 6.78 1.58 -0.17
CA GLN A 11 6.06 0.34 -0.57
C GLN A 11 5.08 0.66 -1.69
N ARG A 12 4.84 -0.28 -2.57
CA ARG A 12 3.89 -0.03 -3.69
C ARG A 12 2.76 -1.05 -3.64
N SER A 13 1.57 -0.65 -4.01
CA SER A 13 0.42 -1.60 -3.99
C SER A 13 -0.40 -1.43 -5.27
N ARG A 14 -0.88 -2.51 -5.83
CA ARG A 14 -1.68 -2.41 -7.08
C ARG A 14 -3.17 -2.42 -6.72
N ASP A 15 -3.57 -3.27 -5.82
CA ASP A 15 -5.01 -3.33 -5.43
C ASP A 15 -5.16 -2.90 -3.97
N PHE A 16 -6.35 -2.53 -3.57
CA PHE A 16 -6.56 -2.11 -2.15
C PHE A 16 -6.31 -3.30 -1.23
N SER A 17 -6.63 -4.48 -1.67
CA SER A 17 -6.40 -5.68 -0.80
C SER A 17 -4.97 -5.65 -0.27
N ALA A 18 -4.00 -5.48 -1.13
CA ALA A 18 -2.59 -5.45 -0.66
C ALA A 18 -2.32 -4.10 0.02
N MET A 19 -3.02 -3.07 -0.38
CA MET A 19 -2.78 -1.73 0.24
C MET A 19 -3.35 -1.74 1.66
N THR A 20 -4.27 -2.61 1.95
CA THR A 20 -4.85 -2.66 3.31
C THR A 20 -3.87 -3.34 4.27
N LYS A 21 -3.44 -4.52 3.92
CA LYS A 21 -2.47 -5.23 4.82
C LYS A 21 -1.32 -4.30 5.12
N HIS A 22 -0.90 -3.54 4.15
CA HIS A 22 0.23 -2.59 4.36
C HIS A 22 -0.11 -1.67 5.53
N LEU A 23 -1.32 -1.18 5.59
CA LEU A 23 -1.69 -0.28 6.73
C LEU A 23 -1.85 -1.11 7.99
N ARG A 24 -2.29 -2.33 7.86
CA ARG A 24 -2.45 -3.21 9.06
C ARG A 24 -1.07 -3.71 9.47
N THR A 25 -0.20 -3.89 8.53
CA THR A 25 1.18 -4.38 8.86
C THR A 25 2.05 -3.20 9.27
N HIS A 26 1.61 -2.00 8.99
CA HIS A 26 2.40 -0.80 9.36
C HIS A 26 3.11 -1.05 10.69
N GLY A 27 4.30 -1.60 10.64
CA GLY A 27 5.05 -1.88 11.90
C GLY A 27 6.38 -1.13 11.88
N GLU A 1 -5.47 3.21 -13.75
CA GLU A 1 -4.47 2.15 -13.43
C GLU A 1 -3.15 2.80 -13.02
N LYS A 2 -3.11 4.11 -12.98
CA LYS A 2 -1.85 4.79 -12.58
C LYS A 2 -1.26 4.10 -11.35
N PRO A 3 0.04 4.17 -11.18
CA PRO A 3 0.75 3.54 -10.03
C PRO A 3 0.00 3.77 -8.71
N PHE A 4 0.20 2.90 -7.76
CA PHE A 4 -0.49 3.06 -6.45
C PHE A 4 0.52 2.93 -5.32
N SER A 5 1.21 4.00 -5.00
CA SER A 5 2.22 3.93 -3.90
C SER A 5 1.53 4.22 -2.57
N CYS A 6 2.15 3.83 -1.48
CA CYS A 6 1.53 4.09 -0.14
C CYS A 6 1.61 5.58 0.18
N SER A 7 1.10 5.98 1.31
CA SER A 7 1.14 7.42 1.68
C SER A 7 2.51 7.76 2.29
N LEU A 8 3.02 6.92 3.14
CA LEU A 8 4.35 7.22 3.76
C LEU A 8 5.20 5.95 3.80
N CYS A 9 6.00 5.73 2.78
CA CYS A 9 6.87 4.52 2.75
C CYS A 9 7.16 4.14 1.30
N PRO A 10 8.39 3.79 1.01
CA PRO A 10 8.82 3.40 -0.37
C PRO A 10 8.27 2.03 -0.76
N GLN A 11 6.99 1.94 -1.02
CA GLN A 11 6.40 0.63 -1.41
C GLN A 11 5.15 0.88 -2.26
N ARG A 12 4.69 -0.13 -2.97
CA ARG A 12 3.48 0.06 -3.81
C ARG A 12 2.61 -1.20 -3.74
N SER A 13 1.32 -1.03 -3.81
CA SER A 13 0.41 -2.21 -3.75
C SER A 13 -0.51 -2.22 -4.96
N ARG A 14 -1.07 -3.35 -5.31
CA ARG A 14 -1.97 -3.42 -6.48
C ARG A 14 -3.41 -3.14 -6.03
N ASP A 15 -4.02 -4.07 -5.36
CA ASP A 15 -5.42 -3.87 -4.90
C ASP A 15 -5.41 -3.28 -3.48
N PHE A 16 -6.45 -2.57 -3.12
CA PHE A 16 -6.49 -1.98 -1.76
C PHE A 16 -6.40 -3.08 -0.71
N SER A 17 -6.98 -4.22 -0.99
CA SER A 17 -6.92 -5.35 -0.02
C SER A 17 -5.46 -5.54 0.44
N ALA A 18 -4.54 -5.53 -0.50
CA ALA A 18 -3.11 -5.71 -0.14
C ALA A 18 -2.57 -4.39 0.41
N MET A 19 -3.06 -3.29 -0.08
CA MET A 19 -2.58 -1.96 0.41
C MET A 19 -3.12 -1.73 1.83
N THR A 20 -4.25 -2.31 2.14
CA THR A 20 -4.82 -2.11 3.50
C THR A 20 -3.97 -2.87 4.52
N LYS A 21 -3.72 -4.13 4.28
CA LYS A 21 -2.89 -4.91 5.24
C LYS A 21 -1.59 -4.14 5.47
N HIS A 22 -1.06 -3.56 4.44
CA HIS A 22 0.19 -2.77 4.58
C HIS A 22 0.03 -1.77 5.72
N LEU A 23 -1.09 -1.09 5.78
CA LEU A 23 -1.29 -0.10 6.87
C LEU A 23 -1.24 -0.83 8.22
N ARG A 24 -1.92 -1.95 8.32
CA ARG A 24 -1.89 -2.71 9.59
C ARG A 24 -0.50 -3.33 9.76
N THR A 25 0.22 -3.45 8.68
CA THR A 25 1.58 -4.04 8.75
C THR A 25 2.62 -2.92 8.76
N HIS A 26 2.18 -1.69 8.60
CA HIS A 26 3.13 -0.55 8.59
C HIS A 26 4.33 -0.86 9.49
N GLY A 27 4.07 -1.26 10.71
CA GLY A 27 5.20 -1.58 11.63
C GLY A 27 4.90 -2.89 12.36
#